data_5N4T
#
_entry.id   5N4T
#
_cell.length_a   105.903
_cell.length_b   80.148
_cell.length_c   79.085
_cell.angle_alpha   90.000
_cell.angle_beta   139.490
_cell.angle_gamma   90.000
#
_symmetry.space_group_name_H-M   'C 1 2 1'
#
loop_
_entity.id
_entity.type
_entity.pdbx_description
1 polymer 'Beta-lactamase VIM-2'
2 non-polymer 'ZINC ION'
3 non-polymer '(2~{S})-3-(1~{H}-indol-3-yl)-2-[[(2~{S})-2-methyl-3-sulfanyl-propanoyl]amino]propanoic acid'
4 non-polymer 'FORMIC ACID'
5 non-polymer 'BENZOIC ACID'
6 water water
#
_entity_poly.entity_id   1
_entity_poly.type   'polypeptide(L)'
_entity_poly.pdbx_seq_one_letter_code
;SGEYPTVSEIPVGEVRLYQIADGVWSHIATQSFDGAVYPSNGLIVRDGDELLLIDTAWGAKNTAALLAEIEKQIGLPVTR
AVSTHFHDDRVGGVDVLRAAGVATYASPSTRRLAEVEGNEIPTHSLEGLSSSGDAVRFGPVELFYPGAAHSTDNLVVYVP
SASVLYGGCAIYELSRTSAGNVADADLAEWPTSIERIQQHYPEAQFVIPGHGLPGGLDLLKHTTNVVKAHTNRS
;
_entity_poly.pdbx_strand_id   A,B
#
loop_
_chem_comp.id
_chem_comp.type
_chem_comp.name
_chem_comp.formula
BEZ non-polymer 'BENZOIC ACID' 'C7 H6 O2'
FMT non-polymer 'FORMIC ACID' 'C H2 O2'
R59 non-polymer '(2~{S})-3-(1~{H}-indol-3-yl)-2-[[(2~{S})-2-methyl-3-sulfanyl-propanoyl]amino]propanoic acid' 'C15 H18 N2 O3 S'
ZN non-polymer 'ZINC ION' 'Zn 2'
#
# COMPACT_ATOMS: atom_id res chain seq x y z
N SER A 1 13.99 16.45 -14.52
CA SER A 1 14.46 16.91 -13.21
C SER A 1 15.59 16.02 -12.70
N GLY A 2 15.71 15.94 -11.38
CA GLY A 2 16.59 14.99 -10.73
C GLY A 2 15.82 13.79 -10.27
N GLU A 3 15.57 13.66 -8.97
CA GLU A 3 14.91 12.47 -8.44
C GLU A 3 13.42 12.49 -8.76
N TYR A 4 12.87 11.32 -9.04
CA TYR A 4 11.45 11.16 -9.29
C TYR A 4 10.71 11.23 -7.96
N PRO A 5 9.57 11.93 -7.91
CA PRO A 5 8.86 12.07 -6.63
C PRO A 5 8.16 10.79 -6.20
N THR A 6 8.09 10.61 -4.88
CA THR A 6 7.56 9.41 -4.25
C THR A 6 6.37 9.76 -3.36
N VAL A 7 5.68 8.72 -2.90
CA VAL A 7 4.50 8.91 -2.06
C VAL A 7 4.82 9.76 -0.85
N SER A 8 6.03 9.64 -0.32
CA SER A 8 6.40 10.36 0.89
C SER A 8 6.56 11.86 0.68
N GLU A 9 6.62 12.34 -0.57
CA GLU A 9 6.90 13.74 -0.86
C GLU A 9 5.72 14.50 -1.47
N ILE A 10 4.59 13.84 -1.72
CA ILE A 10 3.43 14.48 -2.32
C ILE A 10 2.23 14.24 -1.41
N PRO A 11 1.83 15.24 -0.63
CA PRO A 11 0.61 15.06 0.17
C PRO A 11 -0.60 14.93 -0.75
N VAL A 12 -1.56 14.10 -0.34
CA VAL A 12 -2.77 13.90 -1.14
C VAL A 12 -3.44 15.25 -1.35
N GLY A 13 -3.70 15.59 -2.61
CA GLY A 13 -4.22 16.88 -3.00
C GLY A 13 -3.28 17.70 -3.86
N GLU A 14 -1.98 17.43 -3.82
CA GLU A 14 -0.99 18.12 -4.63
C GLU A 14 -0.52 17.25 -5.80
N VAL A 15 0.05 17.92 -6.81
CA VAL A 15 0.53 17.28 -8.02
C VAL A 15 1.91 17.82 -8.39
N ARG A 16 2.79 16.92 -8.84
CA ARG A 16 4.12 17.23 -9.36
C ARG A 16 4.21 16.91 -10.85
N LEU A 17 5.03 17.69 -11.56
CA LEU A 17 5.41 17.41 -12.94
C LEU A 17 6.87 16.99 -13.01
N TYR A 18 7.21 16.14 -14.00
CA TYR A 18 8.59 15.69 -14.20
C TYR A 18 8.85 15.68 -15.70
N GLN A 19 9.85 16.43 -16.16
CA GLN A 19 10.16 16.47 -17.58
C GLN A 19 10.93 15.22 -18.00
N ILE A 20 10.40 14.50 -18.99
N ILE A 20 10.42 14.50 -18.99
CA ILE A 20 11.04 13.28 -19.51
CA ILE A 20 11.08 13.29 -19.50
C ILE A 20 11.93 13.58 -20.70
C ILE A 20 11.95 13.59 -20.71
N ALA A 21 11.46 14.44 -21.60
CA ALA A 21 12.13 14.79 -22.85
C ALA A 21 11.57 16.13 -23.31
N ASP A 22 12.11 16.65 -24.42
CA ASP A 22 11.57 17.88 -24.99
C ASP A 22 10.09 17.71 -25.35
N GLY A 23 9.23 18.55 -24.75
CA GLY A 23 7.79 18.49 -24.99
C GLY A 23 7.07 17.32 -24.37
N VAL A 24 7.67 16.58 -23.41
CA VAL A 24 7.02 15.45 -22.76
C VAL A 24 7.29 15.48 -21.26
N TRP A 25 6.19 15.40 -20.45
CA TRP A 25 6.24 15.37 -18.99
C TRP A 25 5.41 14.20 -18.50
N SER A 26 5.77 13.64 -17.35
CA SER A 26 4.78 12.92 -16.56
C SER A 26 4.18 13.82 -15.49
N HIS A 27 2.97 13.43 -15.06
CA HIS A 27 2.36 14.02 -13.87
C HIS A 27 2.21 12.95 -12.80
N ILE A 28 2.44 13.35 -11.53
CA ILE A 28 2.43 12.45 -10.37
C ILE A 28 1.49 13.00 -9.30
N ALA A 29 0.56 12.16 -8.83
CA ALA A 29 -0.37 12.47 -7.75
C ALA A 29 -0.42 11.27 -6.79
N THR A 30 -1.16 11.42 -5.68
CA THR A 30 -1.31 10.35 -4.67
C THR A 30 -2.78 10.24 -4.25
N GLN A 31 -3.18 9.05 -3.76
CA GLN A 31 -4.58 8.87 -3.32
C GLN A 31 -4.67 7.74 -2.33
N SER A 32 -5.66 7.83 -1.43
CA SER A 32 -5.94 6.77 -0.48
C SER A 32 -6.82 5.74 -1.14
N PHE A 33 -6.53 4.46 -0.87
CA PHE A 33 -7.30 3.39 -1.49
C PHE A 33 -7.23 2.20 -0.53
N ASP A 34 -8.38 1.85 0.06
CA ASP A 34 -8.50 0.71 0.98
C ASP A 34 -7.49 0.74 2.11
N GLY A 35 -7.21 1.93 2.63
CA GLY A 35 -6.34 2.10 3.78
C GLY A 35 -4.92 2.46 3.46
N ALA A 36 -4.44 2.16 2.26
CA ALA A 36 -3.10 2.52 1.87
C ALA A 36 -3.12 3.83 1.08
N VAL A 37 -1.94 4.38 0.83
CA VAL A 37 -1.74 5.51 -0.08
C VAL A 37 -0.78 5.09 -1.20
N TYR A 38 -1.17 5.36 -2.44
CA TYR A 38 -0.41 5.00 -3.63
C TYR A 38 -0.11 6.23 -4.48
N PRO A 39 1.05 6.28 -5.13
CA PRO A 39 1.29 7.27 -6.20
C PRO A 39 0.72 6.78 -7.53
N SER A 40 0.56 7.71 -8.46
CA SER A 40 0.01 7.42 -9.79
C SER A 40 0.53 8.40 -10.83
N ASN A 41 0.84 7.87 -12.04
CA ASN A 41 1.37 8.69 -13.15
C ASN A 41 0.36 8.87 -14.28
N GLY A 42 0.44 10.02 -14.95
CA GLY A 42 -0.08 10.23 -16.32
C GLY A 42 0.98 10.88 -17.21
N LEU A 43 0.56 11.44 -18.37
CA LEU A 43 1.49 12.05 -19.32
C LEU A 43 0.94 13.36 -19.87
N ILE A 44 1.84 14.27 -20.26
CA ILE A 44 1.52 15.54 -20.95
C ILE A 44 2.42 15.62 -22.19
N VAL A 45 1.83 15.91 -23.34
CA VAL A 45 2.58 16.00 -24.60
C VAL A 45 2.27 17.32 -25.33
N ARG A 46 3.32 18.10 -25.63
CA ARG A 46 3.11 19.34 -26.38
C ARG A 46 2.60 19.08 -27.81
N ASP A 47 1.54 19.85 -28.23
CA ASP A 47 0.74 19.64 -29.46
C ASP A 47 0.66 21.04 -30.15
N GLY A 48 1.79 21.49 -30.73
CA GLY A 48 1.87 22.83 -31.31
C GLY A 48 1.93 23.88 -30.20
N ASP A 49 0.91 24.76 -30.16
CA ASP A 49 0.74 25.72 -29.07
C ASP A 49 -0.29 25.27 -28.04
N GLU A 50 -0.65 23.98 -28.05
CA GLU A 50 -1.61 23.37 -27.13
C GLU A 50 -0.97 22.16 -26.48
N LEU A 51 -1.72 21.55 -25.55
CA LEU A 51 -1.25 20.36 -24.85
C LEU A 51 -2.28 19.21 -24.94
N LEU A 52 -1.77 17.99 -25.10
CA LEU A 52 -2.54 16.75 -25.02
C LEU A 52 -2.25 16.10 -23.66
N LEU A 53 -3.31 15.82 -22.88
CA LEU A 53 -3.21 15.15 -21.58
C LEU A 53 -3.53 13.67 -21.70
N ILE A 54 -2.70 12.80 -21.10
CA ILE A 54 -2.99 11.36 -20.98
C ILE A 54 -3.27 11.07 -19.49
N ASP A 55 -4.54 10.70 -19.21
CA ASP A 55 -5.08 10.30 -17.90
C ASP A 55 -5.28 11.45 -16.91
N THR A 56 -6.33 11.34 -16.08
CA THR A 56 -6.51 12.26 -14.96
C THR A 56 -5.48 12.01 -13.83
N ALA A 57 -5.62 12.81 -12.76
CA ALA A 57 -4.76 12.69 -11.58
C ALA A 57 -5.48 12.00 -10.42
N TRP A 58 -6.45 11.11 -10.72
CA TRP A 58 -7.09 10.23 -9.74
C TRP A 58 -7.93 11.07 -8.78
N GLY A 59 -8.99 11.68 -9.31
CA GLY A 59 -9.99 12.39 -8.51
C GLY A 59 -10.15 13.87 -8.87
N ALA A 60 -11.27 14.47 -8.48
CA ALA A 60 -11.60 15.87 -8.86
C ALA A 60 -10.63 16.88 -8.25
N LYS A 61 -10.39 16.81 -6.94
CA LYS A 61 -9.46 17.74 -6.31
C LYS A 61 -8.05 17.63 -6.91
N ASN A 62 -7.55 16.40 -7.06
CA ASN A 62 -6.22 16.24 -7.67
C ASN A 62 -6.17 16.77 -9.09
N THR A 63 -7.22 16.54 -9.88
CA THR A 63 -7.24 16.99 -11.27
C THR A 63 -7.34 18.52 -11.40
N ALA A 64 -8.05 19.21 -10.49
CA ALA A 64 -7.97 20.67 -10.46
C ALA A 64 -6.54 21.12 -10.13
N ALA A 65 -5.88 20.46 -9.17
CA ALA A 65 -4.49 20.78 -8.85
C ALA A 65 -3.56 20.54 -10.04
N LEU A 66 -3.81 19.48 -10.82
CA LEU A 66 -3.04 19.22 -12.05
C LEU A 66 -3.16 20.37 -13.05
N LEU A 67 -4.39 20.82 -13.33
CA LEU A 67 -4.53 21.95 -14.25
C LEU A 67 -3.75 23.19 -13.78
N ALA A 68 -3.77 23.47 -12.45
CA ALA A 68 -3.08 24.65 -11.92
C ALA A 68 -1.57 24.52 -12.05
N GLU A 69 -1.04 23.30 -11.85
CA GLU A 69 0.40 23.09 -11.95
C GLU A 69 0.88 23.13 -13.38
N ILE A 70 0.04 22.69 -14.32
CA ILE A 70 0.33 22.88 -15.74
C ILE A 70 0.40 24.36 -16.10
N GLU A 71 -0.57 25.15 -15.62
CA GLU A 71 -0.51 26.58 -15.95
C GLU A 71 0.74 27.25 -15.39
N LYS A 72 1.16 26.85 -14.18
CA LYS A 72 2.33 27.45 -13.52
C LYS A 72 3.63 27.10 -14.24
N GLN A 73 3.81 25.82 -14.59
CA GLN A 73 5.10 25.34 -15.09
C GLN A 73 5.20 25.36 -16.61
N ILE A 74 4.07 25.30 -17.34
CA ILE A 74 4.10 25.25 -18.79
C ILE A 74 3.38 26.45 -19.43
N GLY A 75 2.16 26.73 -19.00
CA GLY A 75 1.46 27.93 -19.45
C GLY A 75 0.78 27.85 -20.81
N LEU A 76 0.59 26.61 -21.36
CA LEU A 76 -0.15 26.39 -22.60
C LEU A 76 -1.45 25.67 -22.29
N PRO A 77 -2.49 25.83 -23.09
CA PRO A 77 -3.80 25.24 -22.75
C PRO A 77 -3.90 23.76 -23.06
N VAL A 78 -4.52 23.01 -22.14
CA VAL A 78 -4.92 21.61 -22.38
C VAL A 78 -6.21 21.59 -23.19
N THR A 79 -6.16 21.05 -24.42
CA THR A 79 -7.34 21.04 -25.27
C THR A 79 -7.98 19.68 -25.45
N ARG A 80 -7.23 18.57 -25.28
CA ARG A 80 -7.78 17.23 -25.37
C ARG A 80 -7.13 16.35 -24.31
N ALA A 81 -7.89 15.33 -23.84
CA ALA A 81 -7.38 14.33 -22.92
C ALA A 81 -7.86 12.95 -23.33
N VAL A 82 -7.00 11.95 -23.19
CA VAL A 82 -7.30 10.54 -23.43
C VAL A 82 -7.16 9.76 -22.11
N SER A 83 -8.18 8.95 -21.76
CA SER A 83 -8.09 8.01 -20.63
C SER A 83 -7.79 6.61 -21.14
N THR A 84 -6.78 5.94 -20.51
CA THR A 84 -6.23 4.69 -21.04
C THR A 84 -6.88 3.39 -20.52
N HIS A 85 -7.70 3.46 -19.46
CA HIS A 85 -8.68 2.41 -19.11
C HIS A 85 -9.71 3.00 -18.14
N PHE A 86 -10.66 2.16 -17.68
CA PHE A 86 -11.89 2.64 -17.02
C PHE A 86 -11.78 2.90 -15.51
N HIS A 87 -10.66 2.57 -14.88
CA HIS A 87 -10.51 2.72 -13.43
C HIS A 87 -10.39 4.19 -13.04
N ASP A 88 -10.68 4.47 -11.76
N ASP A 88 -10.67 4.47 -11.75
CA ASP A 88 -10.79 5.84 -11.28
CA ASP A 88 -10.79 5.84 -11.23
C ASP A 88 -9.48 6.64 -11.34
C ASP A 88 -9.48 6.65 -11.27
N ASP A 89 -8.32 5.99 -11.30
CA ASP A 89 -7.03 6.70 -11.46
C ASP A 89 -6.80 7.20 -12.88
N ARG A 90 -7.67 6.82 -13.83
CA ARG A 90 -7.59 7.23 -15.24
C ARG A 90 -8.73 8.16 -15.68
N VAL A 91 -9.94 7.99 -15.11
CA VAL A 91 -11.13 8.77 -15.44
C VAL A 91 -11.65 9.64 -14.28
N GLY A 92 -11.21 9.43 -13.03
CA GLY A 92 -11.73 10.24 -11.94
C GLY A 92 -11.18 11.66 -12.06
N GLY A 93 -12.05 12.66 -12.27
CA GLY A 93 -11.66 14.01 -12.63
C GLY A 93 -12.01 14.42 -14.06
N VAL A 94 -12.59 13.52 -14.85
CA VAL A 94 -13.05 13.87 -16.20
C VAL A 94 -14.06 15.03 -16.17
N ASP A 95 -14.94 15.07 -15.16
CA ASP A 95 -15.90 16.18 -15.10
C ASP A 95 -15.20 17.53 -14.87
N VAL A 96 -14.12 17.56 -14.07
CA VAL A 96 -13.31 18.79 -13.94
C VAL A 96 -12.71 19.22 -15.28
N LEU A 97 -12.13 18.29 -16.03
CA LEU A 97 -11.61 18.59 -17.36
C LEU A 97 -12.70 19.13 -18.28
N ARG A 98 -13.86 18.47 -18.31
CA ARG A 98 -14.95 18.91 -19.19
C ARG A 98 -15.39 20.34 -18.85
N ALA A 99 -15.57 20.66 -17.55
CA ALA A 99 -16.00 21.99 -17.15
C ALA A 99 -14.97 23.06 -17.52
N ALA A 100 -13.71 22.69 -17.68
CA ALA A 100 -12.65 23.61 -18.06
C ALA A 100 -12.50 23.73 -19.57
N GLY A 101 -13.36 23.07 -20.36
CA GLY A 101 -13.31 23.15 -21.81
C GLY A 101 -12.41 22.16 -22.52
N VAL A 102 -11.94 21.12 -21.83
CA VAL A 102 -11.12 20.07 -22.43
C VAL A 102 -12.05 19.05 -23.06
N ALA A 103 -11.75 18.65 -24.29
CA ALA A 103 -12.44 17.54 -24.92
C ALA A 103 -11.87 16.22 -24.41
N THR A 104 -12.68 15.40 -23.71
CA THR A 104 -12.25 14.14 -23.12
C THR A 104 -12.62 12.96 -24.03
N TYR A 105 -11.67 12.03 -24.20
CA TYR A 105 -11.75 10.89 -25.12
C TYR A 105 -11.43 9.55 -24.44
N ALA A 106 -12.10 8.49 -24.89
CA ALA A 106 -11.74 7.10 -24.53
C ALA A 106 -12.32 6.16 -25.60
N SER A 107 -11.84 4.88 -25.64
CA SER A 107 -12.49 3.92 -26.53
C SER A 107 -13.93 3.64 -26.08
N PRO A 108 -14.75 3.13 -27.01
CA PRO A 108 -16.12 2.68 -26.62
C PRO A 108 -16.11 1.60 -25.51
N SER A 109 -15.12 0.71 -25.51
CA SER A 109 -14.90 -0.29 -24.45
C SER A 109 -14.73 0.39 -23.09
N THR A 110 -13.80 1.36 -23.01
CA THR A 110 -13.59 2.07 -21.75
C THR A 110 -14.87 2.77 -21.28
N ARG A 111 -15.58 3.48 -22.19
CA ARG A 111 -16.77 4.26 -21.82
C ARG A 111 -17.87 3.37 -21.24
N ARG A 112 -18.04 2.20 -21.81
CA ARG A 112 -19.03 1.25 -21.31
C ARG A 112 -18.65 0.68 -19.95
N LEU A 113 -17.38 0.27 -19.78
CA LEU A 113 -16.97 -0.30 -18.50
C LEU A 113 -17.04 0.74 -17.37
N ALA A 114 -16.74 2.00 -17.69
CA ALA A 114 -16.82 3.05 -16.69
C ALA A 114 -18.27 3.26 -16.25
N GLU A 115 -19.21 3.20 -17.19
CA GLU A 115 -20.60 3.41 -16.85
C GLU A 115 -21.13 2.29 -15.94
N VAL A 116 -20.75 1.03 -16.25
CA VAL A 116 -21.18 -0.10 -15.43
C VAL A 116 -20.68 0.05 -13.99
N GLU A 117 -19.44 0.49 -13.83
CA GLU A 117 -18.80 0.59 -12.53
C GLU A 117 -19.23 1.82 -11.74
N GLY A 118 -19.89 2.80 -12.38
CA GLY A 118 -20.22 4.07 -11.77
C GLY A 118 -19.12 5.11 -11.77
N ASN A 119 -18.14 5.00 -12.68
CA ASN A 119 -17.08 5.98 -12.81
C ASN A 119 -17.45 7.04 -13.87
N GLU A 120 -16.71 8.15 -13.82
CA GLU A 120 -16.95 9.24 -14.76
C GLU A 120 -16.66 8.74 -16.20
N ILE A 121 -17.38 9.33 -17.16
CA ILE A 121 -17.40 8.83 -18.54
C ILE A 121 -16.84 9.90 -19.51
N PRO A 122 -15.66 9.69 -20.13
CA PRO A 122 -15.21 10.62 -21.20
C PRO A 122 -16.26 10.82 -22.30
N THR A 123 -16.32 12.05 -22.85
CA THR A 123 -17.39 12.42 -23.78
C THR A 123 -17.23 11.77 -25.16
N HIS A 124 -16.04 11.87 -25.75
CA HIS A 124 -15.78 11.49 -27.13
C HIS A 124 -15.28 10.03 -27.22
N SER A 125 -15.54 9.37 -28.37
CA SER A 125 -15.17 7.97 -28.60
C SER A 125 -13.99 7.86 -29.57
N LEU A 126 -13.00 7.04 -29.22
CA LEU A 126 -11.86 6.72 -30.08
C LEU A 126 -12.19 5.47 -30.89
N GLU A 127 -12.32 5.62 -32.21
CA GLU A 127 -12.56 4.50 -33.12
C GLU A 127 -11.26 3.83 -33.56
N GLY A 128 -11.40 2.61 -34.08
CA GLY A 128 -10.25 1.93 -34.68
C GLY A 128 -9.32 1.22 -33.73
N LEU A 129 -9.77 0.95 -32.49
CA LEU A 129 -8.92 0.30 -31.48
C LEU A 129 -9.49 -0.98 -30.86
N SER A 130 -10.55 -1.57 -31.42
CA SER A 130 -11.21 -2.70 -30.76
C SER A 130 -10.51 -4.05 -30.92
N SER A 131 -9.56 -4.18 -31.86
N SER A 131 -9.63 -4.23 -31.91
CA SER A 131 -8.85 -5.45 -32.12
CA SER A 131 -8.93 -5.50 -32.14
C SER A 131 -7.41 -5.38 -31.61
C SER A 131 -7.47 -5.41 -31.73
N SER A 132 -6.92 -6.51 -31.08
N SER A 132 -6.98 -6.40 -30.98
CA SER A 132 -5.55 -6.58 -30.57
CA SER A 132 -5.59 -6.36 -30.48
C SER A 132 -4.57 -6.28 -31.70
C SER A 132 -4.61 -6.22 -31.65
N GLY A 133 -3.60 -5.37 -31.42
CA GLY A 133 -2.68 -4.95 -32.46
C GLY A 133 -3.08 -3.70 -33.24
N ASP A 134 -4.27 -3.16 -33.00
CA ASP A 134 -4.70 -1.93 -33.69
C ASP A 134 -3.91 -0.71 -33.19
N ALA A 135 -3.58 0.21 -34.12
CA ALA A 135 -2.93 1.49 -33.78
C ALA A 135 -3.60 2.63 -34.56
N VAL A 136 -3.72 3.80 -33.92
CA VAL A 136 -4.24 5.00 -34.57
C VAL A 136 -3.39 6.20 -34.14
N ARG A 137 -3.24 7.18 -35.06
CA ARG A 137 -2.60 8.43 -34.69
C ARG A 137 -3.58 9.33 -33.92
N PHE A 138 -3.05 10.06 -32.94
CA PHE A 138 -3.81 11.11 -32.23
C PHE A 138 -2.87 12.30 -32.02
N GLY A 139 -2.74 13.15 -33.05
CA GLY A 139 -1.84 14.30 -32.99
C GLY A 139 -0.39 13.86 -32.78
N PRO A 140 0.27 14.31 -31.71
CA PRO A 140 1.69 13.99 -31.51
C PRO A 140 1.97 12.62 -30.90
N VAL A 141 0.95 11.77 -30.73
CA VAL A 141 1.14 10.42 -30.23
C VAL A 141 0.50 9.40 -31.16
N GLU A 142 0.91 8.13 -30.96
CA GLU A 142 0.20 6.94 -31.46
C GLU A 142 -0.46 6.22 -30.27
N LEU A 143 -1.74 5.87 -30.45
CA LEU A 143 -2.47 5.01 -29.52
C LEU A 143 -2.46 3.56 -30.01
N PHE A 144 -2.23 2.60 -29.08
CA PHE A 144 -2.12 1.17 -29.41
C PHE A 144 -2.95 0.33 -28.45
N TYR A 145 -3.76 -0.60 -28.98
CA TYR A 145 -4.48 -1.58 -28.16
C TYR A 145 -3.71 -2.90 -28.23
N PRO A 146 -3.01 -3.32 -27.16
CA PRO A 146 -2.17 -4.52 -27.23
C PRO A 146 -2.89 -5.83 -26.97
N GLY A 147 -4.18 -5.76 -26.61
CA GLY A 147 -4.93 -6.90 -26.08
C GLY A 147 -5.16 -6.76 -24.59
N ALA A 148 -6.00 -7.65 -24.05
CA ALA A 148 -6.32 -7.61 -22.63
C ALA A 148 -5.09 -7.91 -21.78
N ALA A 149 -4.99 -7.22 -20.64
CA ALA A 149 -3.84 -7.34 -19.74
C ALA A 149 -4.26 -7.02 -18.29
N HIS A 150 -3.87 -5.84 -17.78
CA HIS A 150 -4.37 -5.36 -16.48
C HIS A 150 -5.90 -5.20 -16.50
N SER A 151 -6.45 -4.80 -17.65
CA SER A 151 -7.89 -4.71 -17.90
C SER A 151 -8.15 -5.11 -19.36
N THR A 152 -9.42 -5.33 -19.73
N THR A 152 -9.44 -5.31 -19.69
CA THR A 152 -9.67 -5.73 -21.12
CA THR A 152 -9.79 -5.70 -21.06
C THR A 152 -9.58 -4.56 -22.09
C THR A 152 -9.55 -4.57 -22.06
N ASP A 153 -9.67 -3.33 -21.61
CA ASP A 153 -9.67 -2.12 -22.44
C ASP A 153 -8.36 -1.34 -22.42
N ASN A 154 -7.30 -1.82 -21.75
CA ASN A 154 -6.12 -0.99 -21.55
C ASN A 154 -5.44 -0.60 -22.86
N LEU A 155 -5.13 0.71 -22.98
CA LEU A 155 -4.36 1.27 -24.11
C LEU A 155 -2.95 1.67 -23.69
N VAL A 156 -1.99 1.64 -24.63
CA VAL A 156 -0.67 2.23 -24.41
C VAL A 156 -0.51 3.41 -25.39
N VAL A 157 0.42 4.31 -25.08
CA VAL A 157 0.62 5.56 -25.84
C VAL A 157 2.11 5.73 -26.16
N TYR A 158 2.45 5.98 -27.43
CA TYR A 158 3.85 6.18 -27.86
C TYR A 158 4.02 7.61 -28.41
N VAL A 159 5.10 8.27 -28.00
CA VAL A 159 5.43 9.61 -28.51
C VAL A 159 6.61 9.45 -29.46
N PRO A 160 6.41 9.49 -30.77
CA PRO A 160 7.53 9.15 -31.67
C PRO A 160 8.69 10.13 -31.67
N SER A 161 8.42 11.42 -31.49
CA SER A 161 9.51 12.42 -31.54
C SER A 161 10.48 12.24 -30.40
N ALA A 162 10.07 11.63 -29.28
CA ALA A 162 10.88 11.51 -28.08
C ALA A 162 11.22 10.06 -27.70
N SER A 163 10.72 9.07 -28.44
CA SER A 163 10.89 7.65 -28.13
C SER A 163 10.42 7.30 -26.71
N VAL A 164 9.29 7.87 -26.31
CA VAL A 164 8.71 7.62 -24.99
C VAL A 164 7.51 6.69 -25.13
N LEU A 165 7.54 5.55 -24.42
CA LEU A 165 6.42 4.59 -24.36
C LEU A 165 5.76 4.69 -22.99
N TYR A 166 4.49 5.09 -22.97
CA TYR A 166 3.67 5.14 -21.77
C TYR A 166 2.83 3.86 -21.71
N GLY A 167 3.20 2.97 -20.76
CA GLY A 167 2.54 1.66 -20.62
C GLY A 167 1.25 1.67 -19.81
N GLY A 168 1.02 2.73 -19.06
CA GLY A 168 -0.09 2.73 -18.08
C GLY A 168 -0.04 1.52 -17.16
N CYS A 169 -1.22 1.10 -16.68
CA CYS A 169 -1.27 0.13 -15.58
C CYS A 169 -1.05 -1.32 -16.01
N ALA A 170 -0.92 -1.55 -17.31
CA ALA A 170 -0.45 -2.81 -17.88
C ALA A 170 1.03 -3.09 -17.67
N ILE A 171 1.83 -2.08 -17.33
CA ILE A 171 3.28 -2.22 -17.11
C ILE A 171 3.59 -1.84 -15.65
N TYR A 172 4.35 -2.70 -14.96
N TYR A 172 4.33 -2.70 -14.95
CA TYR A 172 4.77 -2.52 -13.57
CA TYR A 172 4.75 -2.48 -13.57
C TYR A 172 6.18 -1.93 -13.46
C TYR A 172 6.17 -1.87 -13.50
N GLU A 173 6.38 -1.07 -12.47
CA GLU A 173 7.73 -0.60 -12.11
C GLU A 173 8.55 -1.77 -11.55
N LEU A 174 9.90 -1.64 -11.61
CA LEU A 174 10.81 -2.69 -11.16
C LEU A 174 10.64 -3.05 -9.67
N SER A 175 10.39 -2.06 -8.81
N SER A 175 10.34 -2.07 -8.82
CA SER A 175 10.29 -2.33 -7.38
CA SER A 175 10.25 -2.35 -7.38
C SER A 175 9.12 -3.25 -7.02
C SER A 175 9.02 -3.16 -6.98
N ARG A 176 8.12 -3.35 -7.89
N ARG A 176 8.06 -3.37 -7.88
CA ARG A 176 6.95 -4.20 -7.65
CA ARG A 176 6.89 -4.20 -7.59
C ARG A 176 7.30 -5.62 -8.08
C ARG A 176 7.20 -5.62 -8.06
N THR A 177 7.53 -6.52 -7.12
CA THR A 177 7.92 -7.89 -7.44
C THR A 177 6.78 -8.89 -7.30
N SER A 178 5.58 -8.43 -6.92
CA SER A 178 4.37 -9.24 -6.81
C SER A 178 3.20 -8.48 -7.44
N ALA A 179 2.21 -9.20 -7.96
CA ALA A 179 1.08 -8.56 -8.63
C ALA A 179 0.24 -7.71 -7.68
N GLY A 180 -0.37 -6.66 -8.26
CA GLY A 180 -1.29 -5.83 -7.53
C GLY A 180 -2.72 -6.19 -7.78
N ASN A 181 -3.53 -5.21 -8.15
CA ASN A 181 -4.96 -5.45 -8.36
C ASN A 181 -5.18 -6.20 -9.67
N VAL A 182 -5.67 -7.43 -9.58
CA VAL A 182 -5.91 -8.25 -10.75
C VAL A 182 -7.38 -8.59 -10.95
N ALA A 183 -8.29 -7.95 -10.19
CA ALA A 183 -9.68 -8.36 -10.24
C ALA A 183 -10.26 -8.23 -11.64
N ASP A 184 -9.78 -7.26 -12.42
CA ASP A 184 -10.34 -6.96 -13.74
C ASP A 184 -9.38 -7.40 -14.86
N ALA A 185 -8.33 -8.15 -14.51
CA ALA A 185 -7.26 -8.53 -15.43
C ALA A 185 -7.60 -9.80 -16.22
N ASP A 186 -6.86 -10.00 -17.33
CA ASP A 186 -6.84 -11.27 -18.08
C ASP A 186 -5.44 -11.88 -17.94
N LEU A 187 -5.24 -12.69 -16.90
CA LEU A 187 -3.91 -13.21 -16.59
C LEU A 187 -3.38 -14.10 -17.72
N ALA A 188 -4.27 -14.86 -18.35
CA ALA A 188 -3.87 -15.77 -19.41
C ALA A 188 -3.34 -15.06 -20.63
N GLU A 189 -3.86 -13.86 -20.92
CA GLU A 189 -3.47 -13.13 -22.12
C GLU A 189 -2.43 -12.04 -21.86
N TRP A 190 -2.21 -11.65 -20.61
CA TRP A 190 -1.35 -10.49 -20.32
C TRP A 190 0.05 -10.66 -20.93
N PRO A 191 0.75 -11.80 -20.78
CA PRO A 191 2.08 -11.90 -21.42
C PRO A 191 2.04 -11.75 -22.94
N THR A 192 1.04 -12.32 -23.63
CA THR A 192 0.93 -12.17 -25.08
C THR A 192 0.72 -10.70 -25.47
N SER A 193 -0.08 -9.97 -24.68
CA SER A 193 -0.29 -8.54 -24.93
C SER A 193 1.02 -7.75 -24.75
N ILE A 194 1.82 -8.06 -23.72
CA ILE A 194 3.14 -7.40 -23.55
C ILE A 194 4.05 -7.68 -24.75
N GLU A 195 4.03 -8.94 -25.26
CA GLU A 195 4.85 -9.25 -26.45
C GLU A 195 4.44 -8.40 -27.66
N ARG A 196 3.14 -8.14 -27.84
CA ARG A 196 2.73 -7.23 -28.93
C ARG A 196 3.32 -5.83 -28.76
N ILE A 197 3.37 -5.33 -27.52
CA ILE A 197 4.01 -4.02 -27.27
C ILE A 197 5.50 -4.04 -27.67
N GLN A 198 6.22 -5.08 -27.23
CA GLN A 198 7.64 -5.19 -27.53
C GLN A 198 7.90 -5.24 -29.03
N GLN A 199 7.05 -5.96 -29.77
CA GLN A 199 7.25 -6.08 -31.20
C GLN A 199 6.89 -4.80 -31.96
N HIS A 200 5.97 -3.98 -31.44
CA HIS A 200 5.55 -2.77 -32.15
C HIS A 200 6.45 -1.58 -31.85
N TYR A 201 7.06 -1.55 -30.65
CA TYR A 201 7.86 -0.40 -30.19
C TYR A 201 9.28 -0.80 -29.75
N PRO A 202 10.01 -1.60 -30.56
CA PRO A 202 11.37 -2.04 -30.15
C PRO A 202 12.38 -0.92 -30.04
N GLU A 203 12.09 0.27 -30.60
CA GLU A 203 12.97 1.44 -30.57
C GLU A 203 12.76 2.31 -29.31
N ALA A 204 11.80 1.99 -28.42
CA ALA A 204 11.53 2.88 -27.30
C ALA A 204 12.71 3.01 -26.35
N GLN A 205 12.96 4.23 -25.87
CA GLN A 205 14.07 4.56 -24.97
C GLN A 205 13.64 4.80 -23.52
N PHE A 206 12.41 5.23 -23.29
CA PHE A 206 11.90 5.49 -21.95
C PHE A 206 10.56 4.78 -21.86
N VAL A 207 10.31 4.08 -20.75
CA VAL A 207 9.04 3.39 -20.50
C VAL A 207 8.48 3.86 -19.15
N ILE A 208 7.23 4.34 -19.16
N ILE A 208 7.25 4.41 -19.19
CA ILE A 208 6.57 4.96 -18.01
CA ILE A 208 6.56 4.95 -18.03
C ILE A 208 5.45 4.03 -17.52
C ILE A 208 5.51 3.94 -17.56
N PRO A 209 5.55 3.47 -16.31
CA PRO A 209 4.48 2.61 -15.77
C PRO A 209 3.35 3.47 -15.22
N GLY A 210 2.17 2.83 -15.00
CA GLY A 210 1.05 3.58 -14.43
C GLY A 210 1.26 4.07 -13.00
N HIS A 211 2.08 3.36 -12.22
CA HIS A 211 2.40 3.67 -10.82
C HIS A 211 3.92 3.49 -10.63
N GLY A 212 4.62 4.52 -10.16
CA GLY A 212 6.02 4.38 -9.77
C GLY A 212 7.02 4.86 -10.82
N LEU A 213 8.28 4.36 -10.66
N LEU A 213 8.24 4.30 -10.72
CA LEU A 213 9.47 4.92 -11.32
CA LEU A 213 9.45 4.88 -11.32
C LEU A 213 9.58 4.52 -12.79
C LEU A 213 9.60 4.50 -12.80
N PRO A 214 9.83 5.47 -13.69
CA PRO A 214 10.21 5.14 -15.08
C PRO A 214 11.45 4.25 -15.22
N GLY A 215 11.59 3.64 -16.41
CA GLY A 215 12.80 2.88 -16.73
C GLY A 215 12.94 2.77 -18.21
N GLY A 216 13.49 1.63 -18.68
CA GLY A 216 13.58 1.30 -20.08
C GLY A 216 12.73 0.10 -20.45
N LEU A 217 13.02 -0.47 -21.64
CA LEU A 217 12.25 -1.61 -22.11
C LEU A 217 12.34 -2.83 -21.18
N ASP A 218 13.35 -2.90 -20.29
N ASP A 218 13.32 -2.90 -20.27
CA ASP A 218 13.41 -3.94 -19.25
CA ASP A 218 13.31 -4.01 -19.32
C ASP A 218 12.08 -4.07 -18.46
C ASP A 218 12.10 -4.05 -18.39
N LEU A 219 11.31 -2.97 -18.33
CA LEU A 219 10.07 -3.04 -17.57
C LEU A 219 9.06 -4.02 -18.19
N LEU A 220 9.12 -4.24 -19.50
CA LEU A 220 8.22 -5.20 -20.15
CA LEU A 220 8.22 -5.20 -20.15
C LEU A 220 8.52 -6.64 -19.71
N LYS A 221 9.80 -7.06 -19.79
N LYS A 221 9.80 -7.05 -19.79
CA LYS A 221 10.17 -8.40 -19.31
CA LYS A 221 10.20 -8.38 -19.31
C LYS A 221 9.89 -8.54 -17.82
C LYS A 221 9.90 -8.54 -17.83
N HIS A 222 10.21 -7.51 -17.05
CA HIS A 222 9.92 -7.51 -15.61
C HIS A 222 8.44 -7.82 -15.35
N THR A 223 7.53 -7.12 -16.06
CA THR A 223 6.10 -7.33 -15.87
C THR A 223 5.69 -8.75 -16.21
N THR A 224 6.18 -9.29 -17.32
CA THR A 224 5.94 -10.68 -17.66
C THR A 224 6.37 -11.61 -16.52
N ASN A 225 7.56 -11.38 -15.94
CA ASN A 225 8.03 -12.25 -14.89
C ASN A 225 7.06 -12.22 -13.69
N VAL A 226 6.58 -11.04 -13.32
CA VAL A 226 5.69 -10.91 -12.17
C VAL A 226 4.33 -11.58 -12.46
N VAL A 227 3.77 -11.36 -13.66
CA VAL A 227 2.48 -11.95 -14.00
C VAL A 227 2.56 -13.48 -13.99
N LYS A 228 3.64 -14.03 -14.55
N LYS A 228 3.65 -14.03 -14.56
CA LYS A 228 3.76 -15.48 -14.56
CA LYS A 228 3.84 -15.48 -14.53
C LYS A 228 3.95 -16.05 -13.14
C LYS A 228 3.91 -16.02 -13.11
N ALA A 229 4.65 -15.34 -12.24
CA ALA A 229 4.74 -15.80 -10.85
C ALA A 229 3.36 -15.81 -10.17
N HIS A 230 2.54 -14.79 -10.43
CA HIS A 230 1.18 -14.77 -9.86
C HIS A 230 0.32 -15.91 -10.42
N THR A 231 0.40 -16.14 -11.73
CA THR A 231 -0.33 -17.24 -12.37
C THR A 231 0.00 -18.58 -11.71
N ASN A 232 1.27 -18.78 -11.29
CA ASN A 232 1.72 -20.02 -10.68
C ASN A 232 1.58 -20.02 -9.17
N ARG A 233 0.87 -19.05 -8.59
CA ARG A 233 0.61 -19.07 -7.14
C ARG A 233 0.00 -20.40 -6.69
N SER A 234 0.25 -20.75 -5.43
CA SER A 234 -0.29 -21.96 -4.85
C SER A 234 -1.82 -21.99 -4.83
C GLY B 2 -4.96 14.54 16.80
N GLU B 3 -4.65 14.82 15.54
CA GLU B 3 -4.81 13.81 14.50
C GLU B 3 -3.73 12.73 14.63
N TYR B 4 -4.11 11.48 14.32
CA TYR B 4 -3.20 10.36 14.28
C TYR B 4 -2.33 10.44 13.02
N PRO B 5 -1.02 10.18 13.11
CA PRO B 5 -0.17 10.41 11.93
C PRO B 5 -0.32 9.34 10.88
N THR B 6 -0.18 9.73 9.62
CA THR B 6 -0.39 8.86 8.48
C THR B 6 0.91 8.66 7.70
N VAL B 7 0.84 7.77 6.73
CA VAL B 7 2.00 7.44 5.92
C VAL B 7 2.53 8.66 5.18
N SER B 8 1.64 9.62 4.85
CA SER B 8 2.06 10.82 4.13
C SER B 8 2.95 11.73 4.97
N GLU B 9 3.00 11.52 6.28
CA GLU B 9 3.63 12.44 7.22
C GLU B 9 4.88 11.87 7.88
N ILE B 10 5.20 10.60 7.68
CA ILE B 10 6.33 9.95 8.31
C ILE B 10 7.24 9.39 7.21
N PRO B 11 8.37 10.02 6.94
CA PRO B 11 9.35 9.42 6.01
C PRO B 11 9.91 8.12 6.58
N VAL B 12 10.25 7.19 5.69
CA VAL B 12 10.88 5.94 6.14
C VAL B 12 12.17 6.26 6.87
N GLY B 13 12.32 5.73 8.09
CA GLY B 13 13.44 6.03 8.94
C GLY B 13 13.11 6.87 10.16
N GLU B 14 11.95 7.53 10.17
CA GLU B 14 11.50 8.35 11.31
C GLU B 14 10.38 7.63 12.06
N VAL B 15 10.20 8.00 13.33
CA VAL B 15 9.18 7.43 14.20
C VAL B 15 8.44 8.53 14.95
N ARG B 16 7.14 8.37 15.11
CA ARG B 16 6.31 9.29 15.90
C ARG B 16 5.73 8.53 17.09
N LEU B 17 5.47 9.27 18.18
CA LEU B 17 4.74 8.74 19.34
C LEU B 17 3.39 9.45 19.48
N TYR B 18 2.35 8.70 19.90
CA TYR B 18 1.00 9.24 20.08
C TYR B 18 0.47 8.80 21.44
N GLN B 19 0.11 9.75 22.30
CA GLN B 19 -0.41 9.40 23.63
C GLN B 19 -1.88 9.00 23.52
N ILE B 20 -2.19 7.78 23.95
N ILE B 20 -2.18 7.77 23.94
CA ILE B 20 -3.55 7.24 23.92
CA ILE B 20 -3.54 7.23 23.92
C ILE B 20 -4.28 7.54 25.23
C ILE B 20 -4.28 7.54 25.22
N ALA B 21 -3.57 7.41 26.35
CA ALA B 21 -4.09 7.62 27.70
C ALA B 21 -2.90 7.84 28.63
N ASP B 22 -3.18 8.15 29.90
CA ASP B 22 -2.10 8.38 30.85
C ASP B 22 -1.16 7.16 30.91
N GLY B 23 0.14 7.35 30.61
CA GLY B 23 1.09 6.24 30.65
C GLY B 23 0.98 5.22 29.53
N VAL B 24 0.27 5.53 28.44
CA VAL B 24 0.11 4.63 27.29
C VAL B 24 0.27 5.41 25.99
N TRP B 25 1.21 4.98 25.16
CA TRP B 25 1.49 5.59 23.85
C TRP B 25 1.46 4.50 22.79
N SER B 26 1.08 4.85 21.55
CA SER B 26 1.48 4.05 20.39
C SER B 26 2.73 4.67 19.77
N HIS B 27 3.50 3.81 19.11
CA HIS B 27 4.59 4.24 18.22
C HIS B 27 4.24 3.90 16.78
N ILE B 28 4.56 4.83 15.87
CA ILE B 28 4.19 4.73 14.45
C ILE B 28 5.43 4.92 13.59
N ALA B 29 5.68 3.96 12.69
CA ALA B 29 6.77 4.00 11.72
C ALA B 29 6.26 3.60 10.33
N THR B 30 7.15 3.67 9.32
CA THR B 30 6.79 3.35 7.94
C THR B 30 7.90 2.53 7.29
N GLN B 31 7.50 1.71 6.30
CA GLN B 31 8.48 0.89 5.60
C GLN B 31 8.05 0.65 4.17
N SER B 32 9.04 0.44 3.30
CA SER B 32 8.83 0.10 1.90
C SER B 32 8.67 -1.40 1.75
N PHE B 33 7.70 -1.78 0.92
CA PHE B 33 7.47 -3.19 0.61
C PHE B 33 6.87 -3.20 -0.78
N ASP B 34 7.61 -3.77 -1.73
CA ASP B 34 7.11 -3.99 -3.09
C ASP B 34 6.69 -2.69 -3.77
N GLY B 35 7.44 -1.61 -3.53
CA GLY B 35 7.17 -0.34 -4.19
C GLY B 35 6.15 0.54 -3.50
N ALA B 36 5.47 0.04 -2.49
CA ALA B 36 4.54 0.85 -1.72
C ALA B 36 5.17 1.17 -0.36
N VAL B 37 4.54 2.10 0.34
CA VAL B 37 4.91 2.45 1.71
C VAL B 37 3.71 2.25 2.63
N TYR B 38 3.94 1.52 3.70
CA TYR B 38 2.90 1.22 4.67
C TYR B 38 3.28 1.70 6.07
N PRO B 39 2.31 2.16 6.85
CA PRO B 39 2.53 2.44 8.27
C PRO B 39 2.38 1.17 9.13
N SER B 40 2.90 1.27 10.35
CA SER B 40 2.84 0.19 11.32
C SER B 40 2.88 0.75 12.74
N ASN B 41 2.09 0.14 13.65
CA ASN B 41 1.98 0.53 15.05
C ASN B 41 2.59 -0.51 16.00
N GLY B 42 3.13 -0.01 17.11
CA GLY B 42 3.38 -0.72 18.36
C GLY B 42 2.88 0.06 19.57
N LEU B 43 3.23 -0.42 20.77
CA LEU B 43 2.76 0.16 22.04
C LEU B 43 3.92 0.42 23.01
N ILE B 44 3.75 1.43 23.90
CA ILE B 44 4.66 1.72 25.03
C ILE B 44 3.77 1.90 26.27
N VAL B 45 4.11 1.23 27.36
CA VAL B 45 3.31 1.27 28.60
C VAL B 45 4.24 1.59 29.76
N ARG B 46 3.92 2.63 30.53
N ARG B 46 3.92 2.65 30.51
CA ARG B 46 4.74 2.93 31.70
CA ARG B 46 4.71 3.00 31.69
C ARG B 46 4.48 1.93 32.82
C ARG B 46 4.53 1.96 32.79
N ASP B 47 5.57 1.37 33.38
N ASP B 47 5.62 1.70 33.53
CA ASP B 47 5.53 0.51 34.57
CA ASP B 47 5.76 0.58 34.45
C ASP B 47 6.44 1.12 35.64
C ASP B 47 6.50 1.10 35.69
N GLY B 48 5.85 1.99 36.44
CA GLY B 48 6.53 2.67 37.54
C GLY B 48 7.52 3.69 37.00
N ASP B 49 8.81 3.45 37.22
CA ASP B 49 9.87 4.31 36.69
C ASP B 49 10.53 3.76 35.42
N GLU B 50 9.95 2.73 34.83
CA GLU B 50 10.50 2.11 33.62
C GLU B 50 9.40 2.02 32.57
N LEU B 51 9.78 1.52 31.39
CA LEU B 51 8.83 1.33 30.29
C LEU B 51 8.88 -0.10 29.75
N LEU B 52 7.70 -0.62 29.36
CA LEU B 52 7.52 -1.84 28.59
C LEU B 52 7.19 -1.51 27.14
N LEU B 53 7.97 -2.09 26.19
CA LEU B 53 7.74 -1.90 24.75
C LEU B 53 6.99 -3.11 24.18
N ILE B 54 5.97 -2.85 23.36
CA ILE B 54 5.27 -3.90 22.59
C ILE B 54 5.63 -3.69 21.12
N ASP B 55 6.39 -4.64 20.54
CA ASP B 55 6.79 -4.73 19.12
C ASP B 55 7.88 -3.72 18.72
N THR B 56 8.69 -4.12 17.74
CA THR B 56 9.71 -3.23 17.16
C THR B 56 9.03 -2.24 16.19
N ALA B 57 9.82 -1.32 15.61
CA ALA B 57 9.37 -0.36 14.60
C ALA B 57 9.68 -0.79 13.17
N TRP B 58 9.76 -2.11 12.92
CA TRP B 58 9.85 -2.64 11.57
C TRP B 58 11.19 -2.31 10.91
N GLY B 59 12.26 -2.80 11.52
CA GLY B 59 13.61 -2.71 11.00
C GLY B 59 14.61 -2.12 12.00
N ALA B 60 15.90 -2.35 11.73
CA ALA B 60 16.98 -1.89 12.60
C ALA B 60 17.05 -0.36 12.68
N LYS B 61 17.09 0.32 11.52
CA LYS B 61 17.21 1.78 11.55
C LYS B 61 16.00 2.44 12.21
N ASN B 62 14.77 1.96 11.88
CA ASN B 62 13.57 2.50 12.54
C ASN B 62 13.58 2.25 14.05
N THR B 63 14.01 1.06 14.49
CA THR B 63 14.01 0.75 15.91
C THR B 63 15.07 1.54 16.69
N ALA B 64 16.22 1.84 16.07
CA ALA B 64 17.16 2.78 16.69
C ALA B 64 16.52 4.17 16.83
N ALA B 65 15.81 4.62 15.80
CA ALA B 65 15.12 5.92 15.87
C ALA B 65 14.03 5.91 16.95
N LEU B 66 13.30 4.79 17.09
CA LEU B 66 12.32 4.63 18.17
C LEU B 66 12.95 4.85 19.55
N LEU B 67 14.09 4.16 19.84
CA LEU B 67 14.75 4.33 21.13
C LEU B 67 15.17 5.77 21.36
N ALA B 68 15.68 6.46 20.32
CA ALA B 68 16.10 7.85 20.48
C ALA B 68 14.91 8.78 20.75
N GLU B 69 13.76 8.53 20.09
CA GLU B 69 12.58 9.35 20.31
C GLU B 69 11.98 9.13 21.71
N ILE B 70 11.95 7.87 22.19
CA ILE B 70 11.51 7.58 23.56
C ILE B 70 12.38 8.33 24.57
N GLU B 71 13.71 8.32 24.40
N GLU B 71 13.70 8.32 24.36
CA GLU B 71 14.55 9.01 25.38
CA GLU B 71 14.64 8.98 25.25
C GLU B 71 14.36 10.53 25.31
C GLU B 71 14.39 10.49 25.29
N LYS B 72 14.14 11.08 24.10
CA LYS B 72 13.92 12.52 23.98
C LYS B 72 12.59 12.96 24.60
N GLN B 73 11.48 12.23 24.31
CA GLN B 73 10.13 12.67 24.67
C GLN B 73 9.67 12.20 26.04
N ILE B 74 10.05 10.98 26.43
CA ILE B 74 9.61 10.36 27.70
C ILE B 74 10.72 10.32 28.76
N GLY B 75 11.90 9.83 28.40
CA GLY B 75 13.05 9.94 29.29
C GLY B 75 13.13 8.89 30.39
N LEU B 76 12.43 7.77 30.25
CA LEU B 76 12.53 6.63 31.14
C LEU B 76 13.09 5.41 30.40
N PRO B 77 13.76 4.50 31.10
CA PRO B 77 14.41 3.38 30.44
C PRO B 77 13.43 2.31 29.96
N VAL B 78 13.68 1.82 28.75
CA VAL B 78 12.98 0.66 28.19
C VAL B 78 13.70 -0.59 28.69
N THR B 79 13.08 -1.33 29.63
CA THR B 79 13.76 -2.47 30.24
C THR B 79 13.38 -3.82 29.59
N ARG B 80 12.17 -3.94 29.03
CA ARG B 80 11.68 -5.17 28.44
C ARG B 80 10.87 -4.86 27.18
N ALA B 81 10.86 -5.81 26.22
CA ALA B 81 10.03 -5.75 25.01
C ALA B 81 9.37 -7.10 24.76
N VAL B 82 8.13 -7.08 24.26
CA VAL B 82 7.40 -8.28 23.83
C VAL B 82 7.09 -8.13 22.33
N SER B 83 7.38 -9.18 21.55
CA SER B 83 6.95 -9.25 20.14
C SER B 83 5.70 -10.13 20.03
N THR B 84 4.67 -9.62 19.34
CA THR B 84 3.35 -10.28 19.33
C THR B 84 3.14 -11.31 18.19
N HIS B 85 3.99 -11.35 17.16
CA HIS B 85 4.10 -12.49 16.25
C HIS B 85 5.45 -12.44 15.56
N PHE B 86 5.71 -13.40 14.65
CA PHE B 86 7.09 -13.66 14.15
C PHE B 86 7.48 -12.84 12.90
N HIS B 87 6.57 -12.04 12.34
CA HIS B 87 6.85 -11.24 11.14
C HIS B 87 7.85 -10.07 11.45
N ASP B 88 8.46 -9.54 10.37
N ASP B 88 8.45 -9.54 10.37
CA ASP B 88 9.53 -8.54 10.48
CA ASP B 88 9.50 -8.52 10.49
C ASP B 88 9.06 -7.17 11.01
C ASP B 88 9.02 -7.21 11.12
N ASP B 89 7.74 -6.85 10.94
CA ASP B 89 7.25 -5.63 11.58
C ASP B 89 7.10 -5.76 13.09
N ARG B 90 7.34 -6.96 13.63
CA ARG B 90 7.25 -7.25 15.07
C ARG B 90 8.60 -7.61 15.69
N VAL B 91 9.47 -8.32 14.95
CA VAL B 91 10.77 -8.76 15.48
C VAL B 91 11.95 -8.08 14.75
N GLY B 92 11.72 -7.37 13.60
CA GLY B 92 12.80 -6.69 12.88
C GLY B 92 13.30 -5.51 13.69
N GLY B 93 14.54 -5.56 14.21
CA GLY B 93 15.00 -4.61 15.21
C GLY B 93 15.22 -5.21 16.60
N VAL B 94 14.89 -6.50 16.81
CA VAL B 94 15.25 -7.20 18.05
C VAL B 94 16.75 -7.12 18.37
N ASP B 95 17.62 -7.25 17.35
CA ASP B 95 19.05 -7.21 17.61
C ASP B 95 19.52 -5.83 18.12
N VAL B 96 18.93 -4.76 17.59
CA VAL B 96 19.17 -3.39 18.10
C VAL B 96 18.72 -3.25 19.56
N LEU B 97 17.50 -3.76 19.89
CA LEU B 97 17.02 -3.72 21.26
C LEU B 97 17.99 -4.45 22.19
N ARG B 98 18.43 -5.64 21.79
N ARG B 98 18.42 -5.65 21.79
CA ARG B 98 19.31 -6.45 22.63
CA ARG B 98 19.32 -6.44 22.64
C ARG B 98 20.65 -5.75 22.88
C ARG B 98 20.64 -5.73 22.89
N ALA B 99 21.24 -5.17 21.83
CA ALA B 99 22.50 -4.43 22.00
C ALA B 99 22.38 -3.24 22.96
N ALA B 100 21.18 -2.64 23.08
CA ALA B 100 20.95 -1.52 23.98
C ALA B 100 20.56 -1.94 25.39
N GLY B 101 20.58 -3.24 25.70
CA GLY B 101 20.30 -3.70 27.04
C GLY B 101 18.84 -3.99 27.34
N VAL B 102 17.97 -4.01 26.32
CA VAL B 102 16.56 -4.33 26.51
C VAL B 102 16.39 -5.85 26.50
N ALA B 103 15.69 -6.39 27.51
CA ALA B 103 15.37 -7.82 27.52
C ALA B 103 14.19 -8.10 26.57
N THR B 104 14.39 -8.93 25.54
CA THR B 104 13.39 -9.23 24.51
C THR B 104 12.69 -10.56 24.81
N TYR B 105 11.37 -10.57 24.60
N TYR B 105 11.36 -10.58 24.63
CA TYR B 105 10.50 -11.70 24.95
CA TYR B 105 10.51 -11.72 24.96
C TYR B 105 9.53 -12.05 23.81
C TYR B 105 9.57 -12.06 23.80
N ALA B 106 9.23 -13.34 23.68
CA ALA B 106 8.11 -13.78 22.83
C ALA B 106 7.69 -15.19 23.28
N SER B 107 6.52 -15.67 22.83
CA SER B 107 6.13 -17.06 23.13
C SER B 107 7.10 -18.04 22.47
N PRO B 108 7.20 -19.28 22.99
CA PRO B 108 7.99 -20.30 22.27
C PRO B 108 7.52 -20.53 20.83
N SER B 109 6.21 -20.39 20.54
N SER B 109 6.22 -20.39 20.56
CA SER B 109 5.70 -20.56 19.19
CA SER B 109 5.71 -20.56 19.19
C SER B 109 6.24 -19.48 18.27
C SER B 109 6.26 -19.48 18.27
N THR B 110 6.23 -18.22 18.72
CA THR B 110 6.82 -17.14 17.93
C THR B 110 8.31 -17.37 17.70
N ARG B 111 9.05 -17.76 18.74
CA ARG B 111 10.50 -17.91 18.58
C ARG B 111 10.81 -18.98 17.55
N ARG B 112 10.06 -20.10 17.59
CA ARG B 112 10.26 -21.18 16.60
C ARG B 112 9.99 -20.73 15.17
N LEU B 113 8.86 -20.07 14.95
CA LEU B 113 8.51 -19.59 13.61
C LEU B 113 9.49 -18.51 13.10
N ALA B 114 9.95 -17.59 13.96
CA ALA B 114 10.96 -16.64 13.52
C ALA B 114 12.23 -17.35 13.05
N GLU B 115 12.69 -18.39 13.79
CA GLU B 115 13.89 -19.13 13.42
C GLU B 115 13.71 -19.82 12.06
N VAL B 116 12.54 -20.41 11.81
CA VAL B 116 12.30 -21.11 10.54
C VAL B 116 12.36 -20.12 9.36
N GLU B 117 11.85 -18.91 9.56
CA GLU B 117 11.80 -17.86 8.53
C GLU B 117 13.15 -17.14 8.34
N GLY B 118 14.13 -17.39 9.20
CA GLY B 118 15.37 -16.62 9.18
C GLY B 118 15.30 -15.19 9.71
N ASN B 119 14.27 -14.87 10.53
CA ASN B 119 14.07 -13.56 11.12
C ASN B 119 14.86 -13.47 12.44
N GLU B 120 14.92 -12.27 13.03
CA GLU B 120 15.52 -12.08 14.36
C GLU B 120 14.65 -12.76 15.43
N ILE B 121 15.29 -13.24 16.50
CA ILE B 121 14.68 -14.14 17.50
C ILE B 121 14.73 -13.53 18.89
N PRO B 122 13.61 -13.13 19.48
CA PRO B 122 13.64 -12.64 20.88
C PRO B 122 14.34 -13.66 21.79
N THR B 123 15.06 -13.15 22.80
CA THR B 123 15.87 -14.02 23.66
C THR B 123 15.02 -14.89 24.61
N HIS B 124 14.12 -14.27 25.38
CA HIS B 124 13.39 -14.92 26.45
C HIS B 124 12.06 -15.51 25.95
N SER B 125 11.62 -16.62 26.58
CA SER B 125 10.39 -17.33 26.26
C SER B 125 9.29 -17.04 27.28
N LEU B 126 8.10 -16.74 26.78
CA LEU B 126 6.94 -16.48 27.62
C LEU B 126 6.14 -17.77 27.80
N GLU B 127 6.05 -18.23 29.03
CA GLU B 127 5.25 -19.41 29.38
C GLU B 127 3.76 -19.07 29.56
N GLY B 128 2.92 -20.11 29.53
CA GLY B 128 1.50 -20.00 29.85
C GLY B 128 0.61 -19.43 28.76
N LEU B 129 1.03 -19.49 27.50
CA LEU B 129 0.27 -18.93 26.39
C LEU B 129 0.04 -19.95 25.26
N SER B 130 0.18 -21.25 25.55
CA SER B 130 0.19 -22.22 24.46
C SER B 130 -1.19 -22.65 23.96
N SER B 131 -2.26 -22.42 24.74
N SER B 131 -2.25 -22.45 24.75
CA SER B 131 -3.60 -22.88 24.38
CA SER B 131 -3.60 -22.88 24.39
C SER B 131 -4.55 -21.69 24.24
C SER B 131 -4.48 -21.66 24.16
N SER B 132 -5.37 -21.74 23.20
N SER B 132 -5.39 -21.77 23.21
CA SER B 132 -6.31 -20.64 22.95
CA SER B 132 -6.36 -20.71 22.96
C SER B 132 -7.14 -20.34 24.19
C SER B 132 -7.12 -20.36 24.24
N GLY B 133 -7.26 -19.05 24.51
CA GLY B 133 -7.91 -18.59 25.70
C GLY B 133 -6.99 -18.36 26.89
N ASP B 134 -5.71 -18.71 26.78
CA ASP B 134 -4.76 -18.46 27.86
C ASP B 134 -4.40 -16.98 28.02
N ALA B 135 -4.29 -16.54 29.29
CA ALA B 135 -3.86 -15.20 29.67
C ALA B 135 -2.80 -15.24 30.77
N VAL B 136 -1.85 -14.32 30.71
CA VAL B 136 -0.84 -14.13 31.77
C VAL B 136 -0.62 -12.64 32.01
N ARG B 137 -0.32 -12.28 33.28
CA ARG B 137 0.13 -10.92 33.60
C ARG B 137 1.62 -10.75 33.28
N PHE B 138 2.02 -9.60 32.73
CA PHE B 138 3.42 -9.28 32.45
C PHE B 138 3.61 -7.79 32.80
N GLY B 139 4.05 -7.48 34.02
CA GLY B 139 4.15 -6.10 34.42
C GLY B 139 2.81 -5.38 34.36
N PRO B 140 2.75 -4.23 33.69
CA PRO B 140 1.52 -3.44 33.63
C PRO B 140 0.46 -3.90 32.63
N VAL B 141 0.69 -5.02 31.91
CA VAL B 141 -0.27 -5.50 30.93
C VAL B 141 -0.69 -6.94 31.20
N GLU B 142 -1.77 -7.34 30.53
CA GLU B 142 -2.16 -8.74 30.37
C GLU B 142 -1.86 -9.16 28.95
N LEU B 143 -1.20 -10.32 28.77
CA LEU B 143 -0.98 -10.93 27.45
C LEU B 143 -2.02 -12.06 27.25
N PHE B 144 -2.61 -12.14 26.05
CA PHE B 144 -3.68 -13.12 25.76
C PHE B 144 -3.43 -13.80 24.42
N TYR B 145 -3.51 -15.14 24.39
CA TYR B 145 -3.42 -15.89 23.14
C TYR B 145 -4.85 -16.25 22.73
N PRO B 146 -5.42 -15.64 21.68
CA PRO B 146 -6.83 -15.88 21.34
C PRO B 146 -7.07 -17.11 20.47
N GLY B 147 -5.98 -17.72 19.98
CA GLY B 147 -6.01 -18.72 18.93
C GLY B 147 -5.43 -18.18 17.62
N ALA B 148 -5.30 -19.11 16.66
CA ALA B 148 -4.74 -18.73 15.36
C ALA B 148 -5.65 -17.75 14.61
N ALA B 149 -5.01 -16.81 13.90
CA ALA B 149 -5.78 -15.77 13.18
C ALA B 149 -4.92 -15.24 11.99
N HIS B 150 -4.39 -14.03 12.10
CA HIS B 150 -3.42 -13.50 11.10
C HIS B 150 -2.20 -14.41 11.01
N SER B 151 -1.80 -15.01 12.13
CA SER B 151 -0.73 -16.02 12.18
C SER B 151 -1.09 -17.02 13.27
N THR B 152 -0.39 -18.17 13.31
N THR B 152 -0.37 -18.15 13.29
CA THR B 152 -0.76 -19.19 14.31
CA THR B 152 -0.66 -19.21 14.27
C THR B 152 -0.27 -18.85 15.72
C THR B 152 -0.36 -18.76 15.70
N ASP B 153 0.66 -17.90 15.86
CA ASP B 153 1.25 -17.47 17.12
C ASP B 153 0.74 -16.12 17.64
N ASN B 154 -0.15 -15.41 16.93
CA ASN B 154 -0.42 -14.03 17.29
C ASN B 154 -0.96 -13.86 18.73
N LEU B 155 -0.38 -12.88 19.46
CA LEU B 155 -0.84 -12.44 20.77
C LEU B 155 -1.54 -11.08 20.72
N VAL B 156 -2.45 -10.84 21.69
CA VAL B 156 -3.01 -9.50 21.94
C VAL B 156 -2.61 -9.04 23.35
N VAL B 157 -2.69 -7.73 23.57
CA VAL B 157 -2.17 -7.09 24.81
C VAL B 157 -3.22 -6.12 25.35
N TYR B 158 -3.57 -6.22 26.65
CA TYR B 158 -4.53 -5.34 27.29
C TYR B 158 -3.89 -4.57 28.43
N VAL B 159 -4.19 -3.27 28.53
CA VAL B 159 -3.72 -2.42 29.63
C VAL B 159 -4.89 -2.11 30.55
N PRO B 160 -5.04 -2.80 31.67
CA PRO B 160 -6.24 -2.63 32.49
C PRO B 160 -6.40 -1.23 33.10
N SER B 161 -5.31 -0.56 33.49
CA SER B 161 -5.45 0.77 34.09
C SER B 161 -6.02 1.80 33.13
N ALA B 162 -5.87 1.60 31.81
CA ALA B 162 -6.29 2.55 30.79
C ALA B 162 -7.41 2.05 29.87
N SER B 163 -7.86 0.80 30.01
CA SER B 163 -8.87 0.19 29.11
C SER B 163 -8.43 0.22 27.63
N VAL B 164 -7.14 -0.06 27.37
CA VAL B 164 -6.55 -0.07 26.02
C VAL B 164 -6.30 -1.53 25.61
N LEU B 165 -6.91 -1.94 24.47
CA LEU B 165 -6.69 -3.24 23.84
C LEU B 165 -5.85 -3.08 22.57
N TYR B 166 -4.72 -3.74 22.53
N TYR B 166 -4.65 -3.61 22.58
CA TYR B 166 -3.78 -3.68 21.42
CA TYR B 166 -3.78 -3.65 21.39
C TYR B 166 -3.90 -5.01 20.67
C TYR B 166 -3.99 -5.00 20.71
N GLY B 167 -4.58 -4.96 19.51
CA GLY B 167 -4.90 -6.19 18.79
C GLY B 167 -3.81 -6.70 17.89
N GLY B 168 -2.79 -5.88 17.58
CA GLY B 168 -1.74 -6.24 16.62
C GLY B 168 -2.37 -6.61 15.28
N CYS B 169 -1.68 -7.47 14.50
CA CYS B 169 -2.05 -7.63 13.09
C CYS B 169 -3.22 -8.58 12.86
N ALA B 170 -3.73 -9.16 13.96
CA ALA B 170 -4.99 -9.92 13.93
C ALA B 170 -6.22 -9.00 13.82
N ILE B 171 -6.07 -7.70 14.08
CA ILE B 171 -7.19 -6.75 13.99
C ILE B 171 -6.89 -5.70 12.89
N TYR B 172 -7.84 -5.51 11.97
N TYR B 172 -7.87 -5.49 11.99
CA TYR B 172 -7.71 -4.54 10.89
CA TYR B 172 -7.77 -4.55 10.88
C TYR B 172 -8.37 -3.21 11.27
C TYR B 172 -8.43 -3.21 11.21
N GLU B 173 -7.81 -2.13 10.74
CA GLU B 173 -8.44 -0.80 10.81
C GLU B 173 -9.69 -0.74 9.92
N LEU B 174 -10.60 0.20 10.21
CA LEU B 174 -11.88 0.29 9.50
C LEU B 174 -11.72 0.58 8.01
N SER B 175 -10.73 1.39 7.64
N SER B 175 -10.73 1.38 7.63
CA SER B 175 -10.56 1.78 6.25
CA SER B 175 -10.59 1.75 6.22
C SER B 175 -10.10 0.63 5.36
C SER B 175 -10.12 0.59 5.33
N ARG B 176 -9.65 -0.49 5.93
N ARG B 176 -9.62 -0.50 5.91
CA ARG B 176 -9.25 -1.67 5.15
CA ARG B 176 -9.24 -1.68 5.12
C ARG B 176 -10.47 -2.57 4.98
C ARG B 176 -10.46 -2.58 4.97
N THR B 177 -10.95 -2.70 3.75
CA THR B 177 -12.16 -3.49 3.47
C THR B 177 -11.87 -4.78 2.72
N SER B 178 -10.59 -5.05 2.42
CA SER B 178 -10.17 -6.27 1.76
C SER B 178 -8.98 -6.86 2.52
N ALA B 179 -8.82 -8.19 2.48
CA ALA B 179 -7.77 -8.80 3.27
C ALA B 179 -6.40 -8.46 2.73
N GLY B 180 -5.42 -8.45 3.63
CA GLY B 180 -4.05 -8.14 3.28
C GLY B 180 -3.19 -9.39 3.11
N ASN B 181 -2.05 -9.43 3.80
CA ASN B 181 -1.18 -10.59 3.74
C ASN B 181 -1.78 -11.72 4.57
N VAL B 182 -2.21 -12.79 3.89
CA VAL B 182 -2.82 -13.93 4.56
C VAL B 182 -2.00 -15.19 4.40
N ALA B 183 -0.75 -15.07 3.92
CA ALA B 183 0.03 -16.27 3.59
C ALA B 183 0.27 -17.18 4.78
N ASP B 184 0.32 -16.61 6.00
CA ASP B 184 0.58 -17.38 7.20
C ASP B 184 -0.65 -17.48 8.11
N ALA B 185 -1.84 -17.09 7.62
CA ALA B 185 -3.04 -17.02 8.41
C ALA B 185 -3.74 -18.38 8.48
N ASP B 186 -4.64 -18.48 9.46
CA ASP B 186 -5.62 -19.57 9.60
C ASP B 186 -6.98 -18.93 9.40
N LEU B 187 -7.43 -18.87 8.14
CA LEU B 187 -8.69 -18.20 7.84
C LEU B 187 -9.86 -18.90 8.51
N ALA B 188 -9.79 -20.24 8.65
CA ALA B 188 -10.90 -21.00 9.23
C ALA B 188 -11.13 -20.67 10.70
N GLU B 189 -10.06 -20.38 11.43
CA GLU B 189 -10.13 -20.13 12.87
C GLU B 189 -10.18 -18.65 13.23
N TRP B 190 -9.86 -17.75 12.30
CA TRP B 190 -9.73 -16.31 12.61
C TRP B 190 -10.98 -15.75 13.25
N PRO B 191 -12.20 -15.97 12.73
CA PRO B 191 -13.38 -15.42 13.42
C PRO B 191 -13.59 -15.97 14.83
N THR B 192 -13.34 -17.26 15.07
CA THR B 192 -13.49 -17.83 16.42
C THR B 192 -12.50 -17.18 17.39
N SER B 193 -11.27 -16.93 16.92
CA SER B 193 -10.26 -16.27 17.75
C SER B 193 -10.69 -14.84 18.12
N ILE B 194 -11.23 -14.10 17.14
CA ILE B 194 -11.74 -12.75 17.43
C ILE B 194 -12.83 -12.80 18.51
N GLU B 195 -13.73 -13.79 18.42
CA GLU B 195 -14.81 -13.89 19.40
C GLU B 195 -14.25 -14.10 20.81
N ARG B 196 -13.14 -14.85 20.93
CA ARG B 196 -12.51 -15.01 22.25
C ARG B 196 -12.00 -13.66 22.81
N ILE B 197 -11.49 -12.79 21.93
CA ILE B 197 -11.06 -11.43 22.33
C ILE B 197 -12.25 -10.63 22.85
N GLN B 198 -13.38 -10.65 22.10
CA GLN B 198 -14.58 -9.90 22.52
C GLN B 198 -15.07 -10.40 23.87
N GLN B 199 -15.06 -11.71 24.10
CA GLN B 199 -15.58 -12.26 25.36
C GLN B 199 -14.68 -11.89 26.54
N HIS B 200 -13.36 -11.80 26.34
CA HIS B 200 -12.43 -11.54 27.45
C HIS B 200 -12.29 -10.04 27.77
N TYR B 201 -12.52 -9.16 26.78
CA TYR B 201 -12.26 -7.71 26.92
C TYR B 201 -13.48 -6.85 26.53
N PRO B 202 -14.67 -7.12 27.08
CA PRO B 202 -15.85 -6.34 26.67
C PRO B 202 -15.84 -4.89 27.13
N GLU B 203 -14.99 -4.57 28.13
CA GLU B 203 -14.88 -3.22 28.70
C GLU B 203 -13.84 -2.34 27.97
N ALA B 204 -13.17 -2.85 26.94
CA ALA B 204 -12.16 -2.04 26.25
C ALA B 204 -12.73 -0.77 25.66
N GLN B 205 -12.01 0.36 25.87
CA GLN B 205 -12.46 1.66 25.37
C GLN B 205 -11.70 2.12 24.13
N PHE B 206 -10.49 1.62 23.92
CA PHE B 206 -9.63 1.96 22.79
C PHE B 206 -9.10 0.67 22.22
N VAL B 207 -9.14 0.53 20.88
CA VAL B 207 -8.67 -0.68 20.20
C VAL B 207 -7.65 -0.24 19.13
N ILE B 208 -6.43 -0.75 19.24
N ILE B 208 -6.43 -0.76 19.22
CA ILE B 208 -5.30 -0.39 18.37
CA ILE B 208 -5.30 -0.35 18.37
C ILE B 208 -5.07 -1.55 17.38
C ILE B 208 -4.98 -1.49 17.39
N PRO B 209 -5.17 -1.31 16.07
CA PRO B 209 -4.76 -2.32 15.08
C PRO B 209 -3.24 -2.31 14.84
N GLY B 210 -2.73 -3.39 14.23
CA GLY B 210 -1.30 -3.41 13.92
C GLY B 210 -0.86 -2.39 12.88
N HIS B 211 -1.79 -1.98 12.00
CA HIS B 211 -1.53 -1.02 10.94
C HIS B 211 -2.71 -0.04 10.87
N GLY B 212 -2.46 1.27 10.98
CA GLY B 212 -3.52 2.28 10.76
C GLY B 212 -4.20 2.81 12.02
N LEU B 213 -5.42 3.37 11.82
N LEU B 213 -5.43 3.30 11.83
CA LEU B 213 -6.04 4.23 12.82
CA LEU B 213 -6.06 4.21 12.80
C LEU B 213 -6.68 3.43 13.97
C LEU B 213 -6.72 3.45 13.97
N PRO B 214 -6.50 3.87 15.22
CA PRO B 214 -7.28 3.32 16.34
C PRO B 214 -8.78 3.58 16.23
N GLY B 215 -9.55 2.75 16.96
CA GLY B 215 -10.99 2.93 17.09
C GLY B 215 -11.47 2.30 18.39
N GLY B 216 -12.72 1.82 18.38
CA GLY B 216 -13.32 1.09 19.47
C GLY B 216 -13.50 -0.39 19.14
N LEU B 217 -14.35 -1.05 19.93
CA LEU B 217 -14.53 -2.49 19.77
C LEU B 217 -15.17 -2.90 18.44
N ASP B 218 -15.80 -1.95 17.71
N ASP B 218 -15.78 -1.98 17.69
CA ASP B 218 -16.29 -2.24 16.36
CA ASP B 218 -16.30 -2.40 16.40
C ASP B 218 -15.21 -2.82 15.44
C ASP B 218 -15.21 -2.79 15.40
N LEU B 219 -13.92 -2.50 15.68
CA LEU B 219 -12.83 -3.05 14.85
C LEU B 219 -12.83 -4.58 14.84
N LEU B 220 -13.29 -5.22 15.93
CA LEU B 220 -13.32 -6.69 15.97
C LEU B 220 -14.31 -7.26 14.96
N LYS B 221 -15.59 -6.85 15.04
CA LYS B 221 -16.59 -7.32 14.05
C LYS B 221 -16.20 -6.91 12.63
N HIS B 222 -15.63 -5.71 12.46
CA HIS B 222 -15.11 -5.30 11.14
C HIS B 222 -14.15 -6.35 10.56
N THR B 223 -13.19 -6.77 11.37
CA THR B 223 -12.17 -7.71 10.89
C THR B 223 -12.83 -9.06 10.51
N THR B 224 -13.74 -9.55 11.34
CA THR B 224 -14.45 -10.77 10.99
C THR B 224 -15.16 -10.64 9.63
N ASN B 225 -15.79 -9.49 9.36
CA ASN B 225 -16.49 -9.30 8.09
C ASN B 225 -15.51 -9.40 6.92
N VAL B 226 -14.35 -8.73 7.03
CA VAL B 226 -13.37 -8.75 5.94
C VAL B 226 -12.83 -10.19 5.73
N VAL B 227 -12.53 -10.90 6.81
CA VAL B 227 -12.04 -12.28 6.73
C VAL B 227 -13.07 -13.21 6.07
N LYS B 228 -14.33 -13.12 6.47
CA LYS B 228 -15.37 -13.95 5.87
C LYS B 228 -15.54 -13.65 4.39
N ALA B 229 -15.46 -12.37 4.00
CA ALA B 229 -15.55 -12.02 2.58
C ALA B 229 -14.39 -12.62 1.78
N HIS B 230 -13.16 -12.61 2.35
CA HIS B 230 -12.05 -13.26 1.67
C HIS B 230 -12.24 -14.78 1.59
N THR B 231 -12.76 -15.40 2.66
CA THR B 231 -12.99 -16.84 2.65
C THR B 231 -13.94 -17.26 1.52
N ASN B 232 -14.86 -16.37 1.14
CA ASN B 232 -15.87 -16.65 0.12
C ASN B 232 -15.45 -16.13 -1.25
N ARG B 233 -14.21 -15.72 -1.41
CA ARG B 233 -13.73 -15.29 -2.72
C ARG B 233 -13.98 -16.36 -3.75
N SER B 234 -14.16 -15.95 -5.01
CA SER B 234 -14.43 -16.89 -6.11
ZN ZN C . -6.43 -0.01 -13.32
ZN ZN D . -3.59 2.30 -12.11
ZN ZN E . 12.25 -7.86 -12.58
C21 R59 F . -6.44 2.03 -7.85
C14 R59 F . 2.16 0.71 -6.11
C13 R59 F . 2.58 -0.37 -5.32
C12 R59 F . 1.71 -1.44 -5.05
C16 R59 F . -5.51 -0.15 -8.39
C15 R59 F . 0.87 0.72 -6.62
C02 R59 F . -3.02 -0.42 -8.73
C03 R59 F . -2.32 -1.60 -9.41
C06 R59 F . -2.24 0.22 -7.58
C07 R59 F . -1.34 -0.64 -6.73
C08 R59 F . -0.01 -0.36 -6.35
C09 R59 F . 0.41 -1.43 -5.58
C11 R59 F . -1.65 -1.87 -6.16
C18 R59 F . -5.54 1.31 -8.87
C19 R59 F . -6.20 1.32 -10.23
N01 R59 F . -4.33 -0.93 -8.31
N10 R59 F . -0.60 -2.31 -5.48
O04 R59 F . -2.75 -2.76 -9.28
O05 R59 F . -1.34 -1.43 -10.16
O17 R59 F . -6.52 -0.66 -8.06
S20 R59 F . -5.11 0.61 -11.51
C FMT G . 13.92 -8.26 -14.79
C FMT G . 13.92 -8.11 -15.11
O1 FMT G . 14.91 -8.59 -14.12
O1 FMT G . 12.89 -7.69 -14.59
O2 FMT G . 12.84 -7.83 -14.33
O2 FMT G . 14.16 -7.97 -16.32
C FMT H . -18.17 -2.05 -26.40
O1 FMT H . -18.22 -1.14 -27.12
O2 FMT H . -18.45 -3.12 -26.87
C BEZ I . 11.28 -10.04 -11.33
O1 BEZ I . 11.81 -9.72 -12.45
O2 BEZ I . 11.14 -9.20 -10.41
C1 BEZ I . 10.80 -11.42 -11.01
C2 BEZ I . 11.44 -12.55 -11.54
C3 BEZ I . 10.94 -13.83 -11.26
C4 BEZ I . 9.80 -13.97 -10.46
C5 BEZ I . 9.13 -12.85 -9.96
C6 BEZ I . 9.63 -11.57 -10.23
ZN ZN J . 2.16 -10.21 10.31
ZN ZN K . 1.75 -6.38 10.61
ZN ZN L . -16.51 -2.82 8.60
C21 R59 M . 4.71 -6.64 6.54
C14 R59 M . -2.05 -0.81 5.49
C13 R59 M . -2.81 -0.81 4.31
C12 R59 M . -2.77 -1.91 3.45
C16 R59 M . 2.46 -7.42 6.00
C15 R59 M . -1.26 -1.92 5.79
C02 R59 M . 0.35 -6.15 6.57
C03 R59 M . -1.07 -6.78 6.62
C06 R59 M . 0.41 -4.70 6.07
C07 R59 M . -0.55 -4.25 4.96
C08 R59 M . -1.23 -3.02 4.91
C09 R59 M . -1.98 -3.01 3.76
C11 R59 M . -0.93 -4.94 3.81
C18 R59 M . 3.34 -6.90 7.14
C19 R59 M . 3.45 -7.97 8.23
N01 R59 M . 1.11 -7.06 5.73
N10 R59 M . -1.78 -4.18 3.11
O04 R59 M . -1.81 -6.76 7.60
O05 R59 M . -1.50 -7.37 5.63
O17 R59 M . 2.95 -8.20 5.26
S20 R59 M . 1.90 -8.20 9.14
C FMT N . -18.49 -2.96 10.85
O1 FMT N . -17.35 -3.16 10.39
O2 FMT N . -19.32 -2.30 10.19
C BEZ O . -16.91 -4.37 6.44
O1 BEZ O . -16.11 -3.52 5.97
O2 BEZ O . -17.29 -4.26 7.64
C1 BEZ O . -17.40 -5.45 5.54
C2 BEZ O . -16.55 -5.99 4.56
C3 BEZ O . -17.02 -7.03 3.73
C4 BEZ O . -18.32 -7.49 3.87
C5 BEZ O . -19.16 -6.96 4.86
C6 BEZ O . -18.70 -5.95 5.68
#